data_6CPF
#
_entry.id   6CPF
#
_cell.length_a   81.750
_cell.length_b   81.750
_cell.length_c   172.871
_cell.angle_alpha   90.000
_cell.angle_beta   90.000
_cell.angle_gamma   120.000
#
_symmetry.space_group_name_H-M   'P 61 2 2'
#
loop_
_entity.id
_entity.type
_entity.pdbx_description
1 polymer 'Aurora kinase A'
2 non-polymer 'PHOSPHOMETHYLPHOSPHONIC ACID ADENYLATE ESTER'
3 non-polymer 'MAGNESIUM ION'
4 water water
#
_entity_poly.entity_id   1
_entity_poly.type   'polypeptide(L)'
_entity_poly.pdbx_seq_one_letter_code
;SVDESKKRQWALEDFEIGRPLGKGKFGNVYLAREKQSKFILALKVLFKAQLEKAGVEHQLRREVEIQSHLRHPNILRLYG
YFHDATRVYLILEYAPLGTVYRELQKLSKFDEQRTATYITELANALSYCHSKRVIHRDIKPENLLLGSAGELKIADFGWS
VHAPSSRRTTLCGTLDYLPPEMIEGRMHDEKVDLWSLGVLCYEFLVGKPPFEANTYQETYKRISRVEFTFPDFVTEGARD
LISRLLKHNPSQRPMLREVLEHPWITANSSKPSNCQNKESASKQS
;
_entity_poly.pdbx_strand_id   A
#
loop_
_chem_comp.id
_chem_comp.type
_chem_comp.name
_chem_comp.formula
ACP non-polymer 'PHOSPHOMETHYLPHOSPHONIC ACID ADENYLATE ESTER' 'C11 H18 N5 O12 P3'
MG non-polymer 'MAGNESIUM ION' 'Mg 2'
#
# COMPACT_ATOMS: atom_id res chain seq x y z
N TRP A 10 6.53 -20.06 -20.45
CA TRP A 10 6.35 -20.05 -19.00
C TRP A 10 5.06 -20.73 -18.59
N ALA A 11 5.18 -21.88 -17.93
CA ALA A 11 4.05 -22.64 -17.44
C ALA A 11 4.18 -22.86 -15.94
N LEU A 12 3.12 -23.40 -15.35
CA LEU A 12 3.13 -23.70 -13.92
C LEU A 12 4.05 -24.86 -13.57
N GLU A 13 4.33 -25.74 -14.54
CA GLU A 13 5.20 -26.88 -14.30
C GLU A 13 6.63 -26.49 -13.97
N ASP A 14 6.98 -25.21 -14.13
CA ASP A 14 8.32 -24.73 -13.85
C ASP A 14 8.53 -24.32 -12.39
N PHE A 15 7.49 -24.42 -11.57
CA PHE A 15 7.57 -24.00 -10.18
C PHE A 15 7.08 -25.12 -9.26
N GLU A 16 7.78 -25.32 -8.15
CA GLU A 16 7.24 -26.10 -7.04
C GLU A 16 6.44 -25.15 -6.15
N ILE A 17 5.21 -25.53 -5.84
CA ILE A 17 4.32 -24.69 -5.05
C ILE A 17 4.39 -25.12 -3.59
N GLY A 18 4.50 -24.15 -2.69
CA GLY A 18 4.53 -24.37 -1.27
C GLY A 18 3.26 -23.90 -0.60
N ARG A 19 3.39 -23.61 0.70
CA ARG A 19 2.21 -23.17 1.46
C ARG A 19 1.67 -21.86 0.87
N PRO A 20 0.39 -21.58 1.07
CA PRO A 20 -0.14 -20.27 0.67
C PRO A 20 0.34 -19.18 1.60
N LEU A 21 0.69 -18.03 1.01
CA LEU A 21 1.05 -16.84 1.76
C LEU A 21 -0.15 -15.92 2.02
N GLY A 22 -1.25 -16.12 1.29
CA GLY A 22 -2.42 -15.29 1.45
C GLY A 22 -3.52 -15.76 0.51
N LYS A 23 -4.74 -15.36 0.84
CA LYS A 23 -5.92 -15.73 0.07
C LYS A 23 -6.76 -14.50 -0.20
N GLY A 24 -7.36 -14.44 -1.39
CA GLY A 24 -8.14 -13.30 -1.81
C GLY A 24 -9.32 -13.70 -2.64
N LYS A 25 -10.15 -12.70 -2.98
CA LYS A 25 -11.36 -12.96 -3.75
C LYS A 25 -11.01 -13.53 -5.13
N PHE A 26 -10.05 -12.91 -5.81
CA PHE A 26 -9.72 -13.31 -7.18
C PHE A 26 -8.72 -14.45 -7.24
N GLY A 27 -7.97 -14.70 -6.18
CA GLY A 27 -6.99 -15.76 -6.23
C GLY A 27 -6.19 -15.83 -4.95
N ASN A 28 -5.11 -16.60 -5.03
CA ASN A 28 -4.29 -16.93 -3.87
C ASN A 28 -2.83 -16.67 -4.19
N VAL A 29 -2.06 -16.39 -3.16
CA VAL A 29 -0.62 -16.23 -3.27
C VAL A 29 0.05 -17.44 -2.60
N TYR A 30 1.03 -18.01 -3.28
CA TYR A 30 1.74 -19.18 -2.78
C TYR A 30 3.23 -18.92 -2.78
N LEU A 31 3.91 -19.39 -1.74
CA LEU A 31 5.36 -19.51 -1.80
C LEU A 31 5.71 -20.51 -2.90
N ALA A 32 6.77 -20.22 -3.64
CA ALA A 32 7.13 -21.05 -4.79
C ALA A 32 8.62 -20.98 -5.05
N ARG A 33 9.12 -21.98 -5.76
CA ARG A 33 10.53 -22.04 -6.16
C ARG A 33 10.62 -22.47 -7.61
N GLU A 34 11.33 -21.70 -8.43
CA GLU A 34 11.58 -22.09 -9.80
C GLU A 34 12.52 -23.29 -9.82
N LYS A 35 12.17 -24.30 -10.61
CA LYS A 35 12.87 -25.58 -10.51
C LYS A 35 14.29 -25.49 -11.06
N GLN A 36 14.49 -24.76 -12.15
CA GLN A 36 15.81 -24.75 -12.78
C GLN A 36 16.86 -24.08 -11.91
N SER A 37 16.51 -22.95 -11.29
CA SER A 37 17.48 -22.15 -10.56
C SER A 37 17.33 -22.21 -9.05
N LYS A 38 16.23 -22.78 -8.54
CA LYS A 38 15.90 -22.83 -7.12
C LYS A 38 15.59 -21.45 -6.54
N PHE A 39 15.33 -20.46 -7.40
CA PHE A 39 14.96 -19.12 -6.94
C PHE A 39 13.61 -19.20 -6.23
N ILE A 40 13.56 -18.77 -4.97
CA ILE A 40 12.31 -18.73 -4.21
C ILE A 40 11.64 -17.39 -4.45
N LEU A 41 10.32 -17.41 -4.50
CA LEU A 41 9.54 -16.24 -4.88
C LEU A 41 8.09 -16.50 -4.49
N ALA A 42 7.23 -15.53 -4.78
CA ALA A 42 5.80 -15.62 -4.52
C ALA A 42 5.05 -15.72 -5.84
N LEU A 43 4.11 -16.66 -5.91
CA LEU A 43 3.30 -16.88 -7.10
C LEU A 43 1.86 -16.51 -6.78
N LYS A 44 1.32 -15.54 -7.49
CA LYS A 44 -0.04 -15.06 -7.29
C LYS A 44 -0.91 -15.57 -8.43
N VAL A 45 -1.87 -16.42 -8.11
CA VAL A 45 -2.68 -17.13 -9.09
C VAL A 45 -4.05 -16.48 -9.11
N LEU A 46 -4.34 -15.74 -10.18
CA LEU A 46 -5.63 -15.11 -10.37
C LEU A 46 -6.45 -15.91 -11.37
N PHE A 47 -7.75 -16.06 -11.09
CA PHE A 47 -8.65 -16.82 -11.94
C PHE A 47 -9.38 -15.88 -12.89
N LYS A 48 -9.23 -16.12 -14.19
CA LYS A 48 -9.85 -15.25 -15.18
C LYS A 48 -11.35 -15.16 -14.99
N ALA A 49 -11.99 -16.29 -14.67
CA ALA A 49 -13.45 -16.31 -14.52
C ALA A 49 -13.91 -15.20 -13.57
N GLN A 50 -13.28 -15.12 -12.40
CA GLN A 50 -13.67 -14.10 -11.43
C GLN A 50 -13.30 -12.71 -11.91
N LEU A 51 -12.07 -12.55 -12.42
CA LEU A 51 -11.65 -11.26 -12.94
C LEU A 51 -12.59 -10.77 -14.04
N GLU A 52 -13.26 -11.68 -14.74
CA GLU A 52 -14.21 -11.29 -15.78
C GLU A 52 -15.58 -10.99 -15.18
N LYS A 53 -16.00 -11.74 -14.15
CA LYS A 53 -17.28 -11.45 -13.51
C LYS A 53 -17.38 -9.98 -13.12
N ALA A 54 -16.27 -9.36 -12.75
CA ALA A 54 -16.18 -7.92 -12.58
C ALA A 54 -15.37 -7.33 -13.73
N GLY A 55 -15.36 -6.00 -13.81
CA GLY A 55 -14.62 -5.33 -14.86
C GLY A 55 -13.17 -5.09 -14.48
N VAL A 56 -12.52 -6.13 -13.95
CA VAL A 56 -11.20 -5.96 -13.34
C VAL A 56 -10.07 -6.48 -14.21
N GLU A 57 -10.33 -7.38 -15.16
CA GLU A 57 -9.25 -7.96 -15.94
C GLU A 57 -8.40 -6.89 -16.63
N HIS A 58 -9.01 -5.76 -17.00
CA HIS A 58 -8.24 -4.71 -17.65
C HIS A 58 -7.46 -3.86 -16.65
N GLN A 59 -8.00 -3.67 -15.44
CA GLN A 59 -7.23 -3.02 -14.39
C GLN A 59 -6.03 -3.86 -13.98
N LEU A 60 -6.17 -5.19 -14.02
CA LEU A 60 -5.03 -6.06 -13.77
C LEU A 60 -3.96 -5.87 -14.83
N ARG A 61 -4.36 -5.81 -16.10
CA ARG A 61 -3.39 -5.59 -17.16
C ARG A 61 -2.61 -4.30 -16.93
N ARG A 62 -3.30 -3.22 -16.58
CA ARG A 62 -2.63 -1.94 -16.37
C ARG A 62 -1.74 -1.99 -15.14
N GLU A 63 -2.19 -2.65 -14.08
CA GLU A 63 -1.36 -2.76 -12.88
C GLU A 63 -0.07 -3.51 -13.16
N VAL A 64 -0.15 -4.61 -13.91
CA VAL A 64 1.04 -5.39 -14.24
C VAL A 64 2.02 -4.56 -15.06
N GLU A 65 1.51 -3.82 -16.06
CA GLU A 65 2.38 -3.00 -16.88
C GLU A 65 3.02 -1.88 -16.08
N ILE A 66 2.30 -1.32 -15.10
CA ILE A 66 2.88 -0.26 -14.28
C ILE A 66 3.98 -0.82 -13.38
N GLN A 67 3.69 -1.94 -12.71
CA GLN A 67 4.61 -2.46 -11.71
C GLN A 67 5.90 -2.98 -12.33
N SER A 68 5.83 -3.55 -13.54
CA SER A 68 7.02 -4.12 -14.16
C SER A 68 8.06 -3.04 -14.47
N HIS A 69 7.62 -1.81 -14.68
CA HIS A 69 8.54 -0.71 -14.97
C HIS A 69 9.04 -0.01 -13.71
N LEU A 70 8.67 -0.51 -12.52
CA LEU A 70 9.08 0.10 -11.26
C LEU A 70 10.20 -0.72 -10.63
N ARG A 71 11.29 -0.04 -10.26
CA ARG A 71 12.41 -0.67 -9.56
C ARG A 71 12.78 0.22 -8.38
N HIS A 72 12.50 -0.24 -7.17
CA HIS A 72 12.76 0.52 -5.97
C HIS A 72 12.88 -0.44 -4.79
N PRO A 73 13.80 -0.23 -3.87
CA PRO A 73 13.95 -1.17 -2.74
C PRO A 73 12.74 -1.20 -1.81
N ASN A 74 11.84 -0.23 -1.90
CA ASN A 74 10.64 -0.21 -1.08
C ASN A 74 9.39 -0.49 -1.91
N ILE A 75 9.56 -1.09 -3.09
CA ILE A 75 8.45 -1.49 -3.94
C ILE A 75 8.65 -2.96 -4.29
N LEU A 76 7.63 -3.78 -4.04
CA LEU A 76 7.73 -5.20 -4.34
C LEU A 76 7.96 -5.40 -5.83
N ARG A 77 9.01 -6.14 -6.16
CA ARG A 77 9.33 -6.39 -7.56
C ARG A 77 8.33 -7.35 -8.18
N LEU A 78 8.00 -7.08 -9.45
CA LEU A 78 7.28 -8.02 -10.31
C LEU A 78 8.31 -8.55 -11.30
N TYR A 79 8.67 -9.83 -11.15
CA TYR A 79 9.69 -10.41 -12.03
C TYR A 79 9.13 -10.73 -13.41
N GLY A 80 7.88 -11.15 -13.47
CA GLY A 80 7.29 -11.50 -14.75
C GLY A 80 5.88 -12.02 -14.53
N TYR A 81 5.31 -12.56 -15.61
CA TYR A 81 3.95 -13.07 -15.53
C TYR A 81 3.68 -13.96 -16.74
N PHE A 82 2.73 -14.87 -16.56
CA PHE A 82 2.25 -15.71 -17.64
C PHE A 82 0.81 -16.09 -17.33
N HIS A 83 0.26 -17.03 -18.10
CA HIS A 83 -1.12 -17.44 -17.90
C HIS A 83 -1.34 -18.76 -18.63
N ASP A 84 -2.43 -19.44 -18.25
CA ASP A 84 -2.87 -20.63 -18.96
C ASP A 84 -4.30 -20.42 -19.45
N ALA A 85 -5.06 -21.50 -19.58
CA ALA A 85 -6.43 -21.38 -20.07
C ALA A 85 -7.27 -20.50 -19.15
N THR A 86 -7.27 -20.80 -17.85
CA THR A 86 -8.21 -20.21 -16.92
C THR A 86 -7.60 -19.27 -15.89
N ARG A 87 -6.29 -19.32 -15.69
CA ARG A 87 -5.65 -18.60 -14.59
C ARG A 87 -4.56 -17.68 -15.10
N VAL A 88 -4.37 -16.57 -14.37
CA VAL A 88 -3.28 -15.65 -14.60
C VAL A 88 -2.29 -15.79 -13.44
N TYR A 89 -1.00 -15.85 -13.77
CA TYR A 89 0.05 -16.05 -12.78
C TYR A 89 0.96 -14.83 -12.75
N LEU A 90 1.18 -14.31 -11.55
CA LEU A 90 2.12 -13.21 -11.34
C LEU A 90 3.31 -13.71 -10.53
N ILE A 91 4.51 -13.49 -11.05
CA ILE A 91 5.75 -13.92 -10.42
C ILE A 91 6.27 -12.75 -9.60
N LEU A 92 6.12 -12.85 -8.27
CA LEU A 92 6.40 -11.76 -7.37
C LEU A 92 7.62 -12.06 -6.50
N GLU A 93 8.34 -10.99 -6.16
CA GLU A 93 9.33 -11.06 -5.09
C GLU A 93 8.66 -11.58 -3.81
N TYR A 94 9.39 -12.42 -3.09
CA TYR A 94 8.89 -12.98 -1.84
C TYR A 94 9.33 -12.09 -0.68
N ALA A 95 8.36 -11.65 0.13
CA ALA A 95 8.65 -10.83 1.31
C ALA A 95 8.52 -11.71 2.55
N PRO A 96 9.62 -12.15 3.16
CA PRO A 96 9.53 -13.25 4.14
C PRO A 96 8.96 -12.89 5.50
N LEU A 97 8.85 -11.61 5.87
CA LEU A 97 8.41 -11.25 7.21
C LEU A 97 6.95 -10.78 7.26
N GLY A 98 6.16 -11.11 6.24
CA GLY A 98 4.73 -10.88 6.31
C GLY A 98 4.33 -9.42 6.11
N THR A 99 3.10 -9.12 6.51
CA THR A 99 2.50 -7.82 6.28
C THR A 99 2.64 -6.91 7.50
N VAL A 100 2.62 -5.60 7.24
CA VAL A 100 2.57 -4.63 8.34
C VAL A 100 1.30 -4.81 9.13
N TYR A 101 0.22 -5.23 8.47
CA TYR A 101 -1.04 -5.48 9.18
C TYR A 101 -0.85 -6.51 10.29
N ARG A 102 -0.23 -7.65 9.97
CA ARG A 102 0.00 -8.67 10.99
C ARG A 102 0.94 -8.15 12.06
N GLU A 103 1.97 -7.40 11.66
CA GLU A 103 2.84 -6.78 12.66
C GLU A 103 2.06 -5.84 13.56
N LEU A 104 1.05 -5.16 13.02
CA LEU A 104 0.27 -4.24 13.83
C LEU A 104 -0.65 -4.98 14.80
N GLN A 105 -1.21 -6.11 14.37
CA GLN A 105 -2.04 -6.90 15.28
C GLN A 105 -1.22 -7.39 16.47
N LYS A 106 -0.04 -7.93 16.20
CA LYS A 106 0.79 -8.47 17.27
C LYS A 106 1.19 -7.38 18.26
N LEU A 107 1.68 -6.26 17.75
CA LEU A 107 2.21 -5.19 18.60
C LEU A 107 1.14 -4.20 19.05
N SER A 108 -0.10 -4.33 18.60
CA SER A 108 -1.17 -3.38 18.89
C SER A 108 -0.91 -2.01 18.27
N LYS A 109 0.25 -1.42 18.55
CA LYS A 109 0.62 -0.14 17.95
C LYS A 109 2.13 -0.07 17.88
N PHE A 110 2.60 0.83 17.03
CA PHE A 110 4.03 1.06 16.83
C PHE A 110 4.47 2.31 17.59
N ASP A 111 5.75 2.33 17.96
CA ASP A 111 6.31 3.52 18.59
C ASP A 111 6.66 4.55 17.52
N GLU A 112 7.12 5.72 17.97
CA GLU A 112 7.40 6.80 17.04
C GLU A 112 8.55 6.44 16.11
N GLN A 113 9.53 5.66 16.58
CA GLN A 113 10.68 5.33 15.75
C GLN A 113 10.26 4.44 14.59
N ARG A 114 9.56 3.34 14.89
CA ARG A 114 9.12 2.45 13.82
C ARG A 114 8.19 3.16 12.87
N THR A 115 7.26 3.96 13.39
CA THR A 115 6.31 4.66 12.53
C THR A 115 7.03 5.61 11.58
N ALA A 116 7.96 6.41 12.12
CA ALA A 116 8.70 7.36 11.28
C ALA A 116 9.55 6.65 10.25
N THR A 117 10.15 5.52 10.62
CA THR A 117 10.92 4.75 9.65
C THR A 117 10.03 4.26 8.51
N TYR A 118 8.88 3.67 8.85
CA TYR A 118 7.98 3.16 7.82
C TYR A 118 7.46 4.28 6.92
N ILE A 119 7.08 5.41 7.52
CA ILE A 119 6.60 6.54 6.73
C ILE A 119 7.70 7.05 5.80
N THR A 120 8.94 7.11 6.30
CA THR A 120 10.05 7.52 5.46
C THR A 120 10.21 6.59 4.27
N GLU A 121 10.15 5.27 4.50
CA GLU A 121 10.27 4.32 3.40
C GLU A 121 9.10 4.45 2.44
N LEU A 122 7.89 4.66 2.95
CA LEU A 122 6.74 4.91 2.08
C LEU A 122 6.96 6.16 1.24
N ALA A 123 7.35 7.25 1.90
CA ALA A 123 7.51 8.52 1.17
C ALA A 123 8.61 8.44 0.13
N ASN A 124 9.68 7.67 0.40
CA ASN A 124 10.70 7.46 -0.61
C ASN A 124 10.12 6.76 -1.83
N ALA A 125 9.44 5.63 -1.62
CA ALA A 125 8.89 4.87 -2.74
C ALA A 125 7.84 5.67 -3.49
N LEU A 126 7.02 6.44 -2.77
CA LEU A 126 6.00 7.25 -3.43
C LEU A 126 6.64 8.38 -4.23
N SER A 127 7.74 8.94 -3.73
CA SER A 127 8.45 9.96 -4.49
C SER A 127 8.97 9.39 -5.81
N TYR A 128 9.48 8.17 -5.78
CA TYR A 128 9.90 7.50 -7.01
C TYR A 128 8.73 7.25 -7.94
N CYS A 129 7.55 6.95 -7.38
CA CYS A 129 6.37 6.71 -8.21
C CYS A 129 5.84 8.01 -8.80
N HIS A 130 5.72 9.05 -7.97
CA HIS A 130 5.25 10.33 -8.48
C HIS A 130 6.22 10.89 -9.51
N SER A 131 7.53 10.63 -9.35
CA SER A 131 8.52 11.03 -10.36
C SER A 131 8.41 10.19 -11.63
N LYS A 132 7.38 9.35 -11.75
CA LYS A 132 7.08 8.65 -12.99
C LYS A 132 5.58 8.64 -13.26
N ARG A 133 4.83 9.59 -12.69
CA ARG A 133 3.40 9.71 -12.92
C ARG A 133 2.67 8.41 -12.56
N VAL A 134 2.70 8.10 -11.27
CA VAL A 134 2.14 6.86 -10.76
C VAL A 134 1.51 7.13 -9.40
N ILE A 135 0.25 6.73 -9.23
CA ILE A 135 -0.45 6.79 -7.96
C ILE A 135 -0.83 5.37 -7.57
N HIS A 136 -0.95 5.12 -6.27
CA HIS A 136 -1.28 3.78 -5.77
C HIS A 136 -2.73 3.68 -5.29
N ARG A 137 -3.16 4.61 -4.43
CA ARG A 137 -4.56 4.74 -4.01
C ARG A 137 -4.97 3.69 -2.98
N ASP A 138 -4.47 2.46 -3.12
CA ASP A 138 -4.87 1.36 -2.26
C ASP A 138 -3.78 1.02 -1.24
N ILE A 139 -3.28 2.04 -0.56
CA ILE A 139 -2.22 1.87 0.43
C ILE A 139 -2.90 1.48 1.75
N LYS A 140 -3.03 0.18 1.97
CA LYS A 140 -3.50 -0.38 3.22
C LYS A 140 -2.37 -1.14 3.91
N PRO A 141 -2.46 -1.32 5.23
CA PRO A 141 -1.43 -2.13 5.91
C PRO A 141 -1.29 -3.54 5.33
N GLU A 142 -2.38 -4.16 4.89
CA GLU A 142 -2.28 -5.51 4.36
C GLU A 142 -1.61 -5.57 2.99
N ASN A 143 -1.31 -4.42 2.38
CA ASN A 143 -0.58 -4.37 1.12
C ASN A 143 0.84 -3.85 1.30
N LEU A 144 1.27 -3.65 2.53
CA LEU A 144 2.65 -3.31 2.84
C LEU A 144 3.33 -4.57 3.36
N LEU A 145 4.37 -5.01 2.67
CA LEU A 145 5.10 -6.23 3.02
C LEU A 145 6.45 -5.87 3.61
N LEU A 146 7.05 -6.85 4.29
CA LEU A 146 8.31 -6.66 4.99
C LEU A 146 9.37 -7.59 4.40
N GLY A 147 10.49 -7.01 3.99
CA GLY A 147 11.59 -7.79 3.47
C GLY A 147 12.43 -8.42 4.57
N SER A 148 13.47 -9.13 4.13
CA SER A 148 14.31 -9.89 5.06
C SER A 148 14.93 -8.99 6.12
N ALA A 149 15.29 -7.77 5.75
CA ALA A 149 15.82 -6.80 6.68
C ALA A 149 14.74 -5.89 7.28
N GLY A 150 13.49 -6.34 7.27
CA GLY A 150 12.41 -5.57 7.85
C GLY A 150 12.05 -4.28 7.12
N GLU A 151 12.50 -4.13 5.88
CA GLU A 151 12.19 -2.92 5.11
C GLU A 151 10.80 -3.02 4.48
N LEU A 152 10.11 -1.89 4.44
CA LEU A 152 8.77 -1.86 3.86
C LEU A 152 8.84 -2.06 2.34
N LYS A 153 7.88 -2.78 1.81
CA LYS A 153 7.74 -2.95 0.37
C LYS A 153 6.27 -2.76 0.00
N ILE A 154 6.00 -1.80 -0.87
CA ILE A 154 4.64 -1.54 -1.33
C ILE A 154 4.24 -2.61 -2.33
N ALA A 155 3.11 -3.26 -2.05
CA ALA A 155 2.62 -4.35 -2.91
C ALA A 155 1.20 -4.05 -3.36
N ASP A 156 0.58 -5.02 -4.02
CA ASP A 156 -0.79 -4.87 -4.48
C ASP A 156 -0.97 -3.58 -5.27
N PHE A 157 -0.49 -3.57 -6.51
CA PHE A 157 -0.63 -2.43 -7.41
C PHE A 157 -1.88 -2.53 -8.28
N GLY A 158 -2.86 -3.35 -7.88
CA GLY A 158 -4.06 -3.54 -8.67
C GLY A 158 -4.90 -2.28 -8.84
N TRP A 159 -4.70 -1.27 -7.99
CA TRP A 159 -5.44 -0.04 -8.07
C TRP A 159 -4.65 1.13 -8.63
N SER A 160 -3.34 0.97 -8.84
CA SER A 160 -2.52 2.08 -9.33
C SER A 160 -2.97 2.51 -10.71
N VAL A 161 -2.84 3.81 -10.98
CA VAL A 161 -3.24 4.38 -12.27
C VAL A 161 -2.29 5.53 -12.62
N HIS A 162 -2.54 6.15 -13.77
CA HIS A 162 -1.77 7.31 -14.23
C HIS A 162 -2.64 8.56 -14.19
N ALA A 163 -1.97 9.73 -14.21
CA ALA A 163 -2.64 11.01 -14.38
C ALA A 163 -3.74 11.19 -13.34
N PRO A 164 -4.59 12.21 -13.45
CA PRO A 164 -5.67 12.36 -12.46
C PRO A 164 -6.59 11.14 -12.38
N SER A 165 -7.26 10.80 -13.48
CA SER A 165 -8.16 9.65 -13.49
C SER A 165 -9.43 9.93 -12.70
N SER A 166 -10.38 8.99 -12.75
CA SER A 166 -11.64 9.15 -12.03
C SER A 166 -12.48 7.87 -12.10
N GLY A 173 -14.79 -2.21 -0.96
CA GLY A 173 -14.03 -2.41 0.25
C GLY A 173 -14.27 -1.32 1.28
N THR A 174 -13.45 -1.30 2.32
CA THR A 174 -13.57 -0.27 3.35
C THR A 174 -12.95 1.02 2.85
N LEU A 175 -13.65 2.11 3.08
CA LEU A 175 -13.18 3.43 2.70
C LEU A 175 -12.07 3.95 3.62
N ASP A 176 -11.59 3.14 4.57
CA ASP A 176 -10.76 3.66 5.64
C ASP A 176 -9.56 4.44 5.14
N TYR A 177 -9.03 4.11 3.96
CA TYR A 177 -7.81 4.72 3.46
C TYR A 177 -8.03 5.59 2.24
N LEU A 178 -9.28 5.82 1.84
CA LEU A 178 -9.56 6.61 0.64
C LEU A 178 -9.82 8.08 1.00
N PRO A 179 -9.32 9.02 0.21
CA PRO A 179 -9.53 10.44 0.52
C PRO A 179 -10.90 10.91 0.09
N PRO A 180 -11.32 12.11 0.53
CA PRO A 180 -12.65 12.60 0.17
C PRO A 180 -12.93 12.62 -1.32
N GLU A 181 -11.98 13.11 -2.13
CA GLU A 181 -12.21 13.24 -3.56
C GLU A 181 -12.49 11.90 -4.23
N MET A 182 -12.07 10.79 -3.63
CA MET A 182 -12.34 9.49 -4.22
C MET A 182 -13.72 8.98 -3.83
N ILE A 183 -14.04 9.01 -2.53
CA ILE A 183 -15.36 8.55 -2.10
C ILE A 183 -16.44 9.47 -2.64
N GLU A 184 -16.14 10.77 -2.76
CA GLU A 184 -17.06 11.71 -3.41
C GLU A 184 -17.12 11.51 -4.92
N GLY A 185 -16.40 10.52 -5.47
CA GLY A 185 -16.47 10.21 -6.88
C GLY A 185 -15.86 11.23 -7.80
N ARG A 186 -15.06 12.16 -7.28
CA ARG A 186 -14.51 13.24 -8.08
C ARG A 186 -13.27 12.74 -8.83
N MET A 187 -12.52 13.67 -9.43
CA MET A 187 -11.25 13.38 -10.06
C MET A 187 -10.14 13.54 -9.02
N HIS A 188 -9.31 12.52 -8.89
CA HIS A 188 -8.21 12.48 -7.94
C HIS A 188 -6.89 12.68 -8.66
N ASP A 189 -5.81 12.75 -7.89
CA ASP A 189 -4.48 12.98 -8.47
C ASP A 189 -3.43 12.38 -7.53
N GLU A 190 -2.17 12.81 -7.67
CA GLU A 190 -1.08 12.27 -6.87
C GLU A 190 -1.21 12.57 -5.39
N LYS A 191 -2.15 13.43 -5.00
CA LYS A 191 -2.36 13.75 -3.60
C LYS A 191 -3.11 12.67 -2.84
N VAL A 192 -3.72 11.71 -3.53
CA VAL A 192 -4.35 10.59 -2.84
C VAL A 192 -3.33 9.87 -1.97
N ASP A 193 -2.12 9.67 -2.48
CA ASP A 193 -1.09 8.97 -1.71
C ASP A 193 -0.71 9.74 -0.46
N LEU A 194 -0.84 11.07 -0.48
CA LEU A 194 -0.52 11.86 0.69
C LEU A 194 -1.56 11.66 1.79
N TRP A 195 -2.84 11.56 1.42
CA TRP A 195 -3.89 11.32 2.40
C TRP A 195 -3.70 9.96 3.06
N SER A 196 -3.48 8.92 2.26
CA SER A 196 -3.29 7.59 2.80
C SER A 196 -2.09 7.53 3.73
N LEU A 197 -1.03 8.27 3.40
CA LEU A 197 0.13 8.34 4.28
C LEU A 197 -0.25 8.86 5.66
N GLY A 198 -1.13 9.86 5.71
CA GLY A 198 -1.58 10.37 7.00
C GLY A 198 -2.52 9.44 7.72
N VAL A 199 -3.34 8.69 6.98
CA VAL A 199 -4.15 7.66 7.61
C VAL A 199 -3.26 6.59 8.24
N LEU A 200 -2.22 6.16 7.52
CA LEU A 200 -1.34 5.11 8.02
C LEU A 200 -0.54 5.58 9.22
N CYS A 201 0.07 6.76 9.12
CA CYS A 201 0.79 7.31 10.27
C CYS A 201 -0.08 7.28 11.52
N TYR A 202 -1.35 7.68 11.40
CA TYR A 202 -2.25 7.62 12.53
C TYR A 202 -2.46 6.19 12.99
N GLU A 203 -2.75 5.29 12.04
CA GLU A 203 -3.04 3.91 12.42
C GLU A 203 -1.83 3.26 13.09
N PHE A 204 -0.62 3.59 12.63
CA PHE A 204 0.57 2.98 13.22
C PHE A 204 0.69 3.35 14.71
N LEU A 205 0.44 4.61 15.05
CA LEU A 205 0.59 5.07 16.42
C LEU A 205 -0.60 4.70 17.30
N VAL A 206 -1.80 4.70 16.75
CA VAL A 206 -3.01 4.55 17.55
C VAL A 206 -3.50 3.11 17.49
N GLY A 207 -3.23 2.42 16.39
CA GLY A 207 -3.70 1.07 16.18
C GLY A 207 -5.04 0.97 15.48
N LYS A 208 -5.64 2.10 15.12
CA LYS A 208 -6.91 2.15 14.40
C LYS A 208 -6.77 3.23 13.34
N PRO A 209 -7.31 3.03 12.14
CA PRO A 209 -7.41 4.15 11.21
C PRO A 209 -8.30 5.23 11.79
N PRO A 210 -8.01 6.50 11.50
CA PRO A 210 -8.68 7.60 12.22
C PRO A 210 -10.17 7.76 11.89
N PHE A 211 -10.68 7.14 10.83
CA PHE A 211 -12.09 7.31 10.47
C PHE A 211 -12.87 6.00 10.60
N GLU A 212 -12.30 5.02 11.30
CA GLU A 212 -13.00 3.75 11.47
C GLU A 212 -14.39 3.97 12.06
N ALA A 213 -15.29 3.04 11.77
CA ALA A 213 -16.65 3.06 12.29
C ALA A 213 -17.27 1.69 12.04
N ASN A 214 -18.39 1.43 12.73
CA ASN A 214 -19.08 0.16 12.58
C ASN A 214 -19.79 0.04 11.24
N THR A 215 -19.93 1.14 10.51
CA THR A 215 -20.77 1.19 9.33
C THR A 215 -20.04 1.89 8.20
N TYR A 216 -20.27 1.41 6.98
CA TYR A 216 -19.77 2.07 5.78
C TYR A 216 -20.30 3.50 5.68
N GLN A 217 -21.59 3.68 5.96
CA GLN A 217 -22.20 5.00 5.83
C GLN A 217 -21.60 5.98 6.82
N GLU A 218 -21.31 5.54 8.05
CA GLU A 218 -20.68 6.41 9.04
C GLU A 218 -19.24 6.73 8.65
N THR A 219 -18.46 5.71 8.26
CA THR A 219 -17.09 5.96 7.83
C THR A 219 -17.06 6.98 6.69
N TYR A 220 -18.01 6.90 5.77
CA TYR A 220 -18.09 7.86 4.67
C TYR A 220 -18.25 9.28 5.20
N LYS A 221 -19.16 9.47 6.16
CA LYS A 221 -19.37 10.80 6.72
C LYS A 221 -18.08 11.34 7.33
N ARG A 222 -17.41 10.52 8.15
CA ARG A 222 -16.22 10.98 8.85
C ARG A 222 -15.17 11.46 7.86
N ILE A 223 -14.94 10.69 6.79
CA ILE A 223 -13.90 11.05 5.83
C ILE A 223 -14.23 12.39 5.16
N SER A 224 -15.47 12.54 4.66
CA SER A 224 -15.81 13.77 3.96
C SER A 224 -15.77 14.97 4.89
N ARG A 225 -16.09 14.79 6.17
CA ARG A 225 -15.94 15.85 7.15
C ARG A 225 -14.52 15.96 7.69
N VAL A 226 -13.66 14.96 7.49
CA VAL A 226 -12.34 14.91 8.11
C VAL A 226 -12.52 14.98 9.62
N GLU A 227 -13.41 14.14 10.13
CA GLU A 227 -13.81 14.14 11.54
C GLU A 227 -13.05 13.02 12.25
N PHE A 228 -11.99 13.38 12.98
CA PHE A 228 -11.21 12.41 13.75
C PHE A 228 -10.60 13.11 14.95
N THR A 229 -10.18 12.33 15.94
CA THR A 229 -9.55 12.85 17.14
C THR A 229 -8.37 11.98 17.53
N PHE A 230 -7.41 12.58 18.25
CA PHE A 230 -6.20 11.89 18.68
C PHE A 230 -6.37 11.36 20.10
N PRO A 231 -5.80 10.19 20.40
CA PRO A 231 -5.59 9.83 21.82
C PRO A 231 -4.54 10.74 22.44
N ASP A 232 -4.58 10.85 23.77
CA ASP A 232 -3.71 11.78 24.47
C ASP A 232 -2.23 11.46 24.23
N PHE A 233 -1.88 10.18 24.06
CA PHE A 233 -0.46 9.82 23.97
C PHE A 233 0.18 10.20 22.63
N VAL A 234 -0.59 10.66 21.65
CA VAL A 234 0.00 11.07 20.38
C VAL A 234 0.72 12.40 20.56
N THR A 235 2.01 12.42 20.25
CA THR A 235 2.82 13.60 20.49
C THR A 235 2.44 14.72 19.52
N GLU A 236 2.86 15.94 19.88
CA GLU A 236 2.52 17.12 19.08
C GLU A 236 3.12 17.04 17.69
N GLY A 237 4.34 16.51 17.57
CA GLY A 237 4.93 16.35 16.25
C GLY A 237 4.12 15.42 15.36
N ALA A 238 3.64 14.31 15.94
CA ALA A 238 2.82 13.39 15.15
C ALA A 238 1.48 14.02 14.79
N ARG A 239 0.88 14.78 15.72
CA ARG A 239 -0.36 15.48 15.43
C ARG A 239 -0.17 16.49 14.31
N ASP A 240 0.96 17.21 14.32
CA ASP A 240 1.20 18.20 13.28
C ASP A 240 1.30 17.53 11.92
N LEU A 241 2.14 16.51 11.80
CA LEU A 241 2.30 15.80 10.53
C LEU A 241 0.97 15.22 10.07
N ILE A 242 0.23 14.58 10.97
CA ILE A 242 -1.00 13.92 10.57
C ILE A 242 -2.05 14.95 10.15
N SER A 243 -2.14 16.07 10.87
CA SER A 243 -3.11 17.10 10.53
C SER A 243 -2.79 17.75 9.18
N ARG A 244 -1.50 17.86 8.84
CA ARG A 244 -1.16 18.44 7.55
C ARG A 244 -1.48 17.50 6.40
N LEU A 245 -1.45 16.18 6.63
CA LEU A 245 -1.73 15.23 5.56
C LEU A 245 -3.22 15.04 5.34
N LEU A 246 -4.01 15.03 6.42
CA LEU A 246 -5.45 14.76 6.33
C LEU A 246 -6.23 16.05 6.12
N LYS A 247 -5.93 16.73 5.01
CA LYS A 247 -6.64 17.94 4.61
C LYS A 247 -7.68 17.59 3.58
N HIS A 248 -8.91 18.10 3.77
CA HIS A 248 -9.96 17.84 2.80
C HIS A 248 -9.55 18.33 1.41
N ASN A 249 -8.81 19.43 1.34
CA ASN A 249 -8.44 20.03 0.08
C ASN A 249 -7.12 19.44 -0.39
N PRO A 250 -7.10 18.65 -1.47
CA PRO A 250 -5.81 18.05 -1.90
C PRO A 250 -4.67 19.05 -2.01
N SER A 251 -4.91 20.22 -2.59
CA SER A 251 -3.84 21.19 -2.80
C SER A 251 -3.21 21.69 -1.50
N GLN A 252 -3.90 21.49 -0.37
CA GLN A 252 -3.34 21.86 0.93
C GLN A 252 -2.39 20.82 1.49
N ARG A 253 -2.52 19.56 1.07
CA ARG A 253 -1.63 18.52 1.55
C ARG A 253 -0.20 18.82 1.13
N PRO A 254 0.79 18.54 1.96
CA PRO A 254 2.18 18.83 1.57
C PRO A 254 2.68 17.90 0.48
N MET A 255 3.85 18.25 -0.04
CA MET A 255 4.57 17.38 -0.96
C MET A 255 5.37 16.36 -0.17
N LEU A 256 5.74 15.27 -0.85
CA LEU A 256 6.53 14.24 -0.19
C LEU A 256 7.86 14.79 0.30
N ARG A 257 8.42 15.78 -0.38
CA ARG A 257 9.63 16.43 0.11
C ARG A 257 9.40 17.10 1.45
N GLU A 258 8.26 17.77 1.61
CA GLU A 258 7.94 18.40 2.89
C GLU A 258 7.74 17.36 3.99
N VAL A 259 7.22 16.18 3.64
CA VAL A 259 7.05 15.13 4.64
C VAL A 259 8.40 14.58 5.06
N LEU A 260 9.24 14.24 4.10
CA LEU A 260 10.55 13.66 4.41
C LEU A 260 11.41 14.59 5.24
N GLU A 261 11.15 15.90 5.18
CA GLU A 261 11.91 16.88 5.96
C GLU A 261 11.12 17.39 7.15
N HIS A 262 10.00 16.77 7.48
CA HIS A 262 9.26 17.18 8.66
C HIS A 262 10.10 16.92 9.91
N PRO A 263 10.04 17.82 10.90
CA PRO A 263 10.89 17.62 12.09
C PRO A 263 10.63 16.29 12.80
N TRP A 264 9.36 15.95 13.02
CA TRP A 264 9.03 14.72 13.72
C TRP A 264 9.57 13.50 12.98
N ILE A 265 9.63 13.55 11.65
CA ILE A 265 10.17 12.44 10.89
C ILE A 265 11.68 12.37 11.07
N THR A 266 12.38 13.48 10.85
CA THR A 266 13.84 13.46 10.94
C THR A 266 14.30 13.06 12.33
N ALA A 267 13.62 13.55 13.37
CA ALA A 267 14.04 13.22 14.73
C ALA A 267 13.86 11.75 15.06
N ASN A 268 12.82 11.11 14.51
CA ASN A 268 12.47 9.75 14.92
C ASN A 268 12.81 8.70 13.88
N SER A 269 13.05 9.08 12.63
CA SER A 269 13.30 8.09 11.59
C SER A 269 14.73 7.59 11.67
N SER A 270 14.89 6.27 11.57
CA SER A 270 16.21 5.64 11.56
C SER A 270 16.75 5.45 10.16
N LYS A 271 15.99 5.80 9.12
CA LYS A 271 16.44 5.67 7.75
C LYS A 271 16.46 7.02 7.05
N PRO A 272 17.47 7.31 6.24
CA PRO A 272 17.50 8.60 5.53
C PRO A 272 16.40 8.68 4.49
N SER A 273 16.25 9.88 3.92
CA SER A 273 15.17 10.19 3.01
C SER A 273 15.68 10.33 1.58
N ASN A 274 14.73 10.43 0.65
CA ASN A 274 15.03 10.61 -0.78
C ASN A 274 13.88 11.37 -1.47
PG ACP B . -7.66 -10.17 -3.91
O1G ACP B . -8.84 -10.70 -3.16
O2G ACP B . -7.38 -11.05 -5.14
O3G ACP B . -7.95 -8.73 -4.35
PB ACP B . -4.99 -8.88 -3.29
O1B ACP B . -5.00 -7.83 -2.23
O2B ACP B . -5.38 -8.29 -4.59
C3B ACP B . -6.19 -10.21 -2.80
PA ACP B . -2.20 -9.26 -2.46
O1A ACP B . -2.48 -8.13 -1.54
O2A ACP B . -1.01 -8.93 -3.30
O3A ACP B . -3.47 -9.56 -3.43
O5' ACP B . -1.91 -10.64 -1.57
C5' ACP B . -2.81 -10.98 -0.53
C4' ACP B . -2.02 -11.39 0.73
O4' ACP B . -1.20 -12.35 0.44
C3' ACP B . -1.13 -10.20 1.23
O3' ACP B . -1.80 -9.43 2.12
C2' ACP B . 0.04 -10.94 1.88
O2' ACP B . -0.35 -11.39 3.28
C1' ACP B . 0.24 -12.00 1.13
N9 ACP B . 1.23 -11.73 0.09
C8 ACP B . 1.00 -11.23 -1.15
N7 ACP B . 2.18 -11.14 -1.79
C5 ACP B . 3.13 -11.59 -0.97
C6 ACP B . 4.50 -11.71 -1.13
N6 ACP B . 5.48 -11.41 -2.24
N1 ACP B . 5.25 -12.19 -0.14
C2 ACP B . 4.67 -12.56 1.03
N3 ACP B . 3.31 -12.45 1.19
C4 ACP B . 2.55 -11.96 0.20
H3B1 ACP B . -6.48 -10.06 -1.88
H3B2 ACP B . -5.76 -11.07 -2.87
H5'1 ACP B . -3.37 -11.72 -0.82
H5'2 ACP B . -3.38 -10.21 -0.33
H4' ACP B . -2.64 -11.66 1.43
H3' ACP B . -0.83 -9.64 0.49
H2' ACP B . 0.80 -10.35 1.90
HO2' ACP B . 0.36 -11.64 3.69
H1' ACP B . 0.54 -12.73 1.68
H8 ACP B . 0.17 -10.99 -1.49
HN61 ACP B . 5.22 -11.44 -3.07
HN62 ACP B . 6.29 -11.21 -2.06
H2 ACP B . 5.20 -12.90 1.73
MG MG C . -4.13 -6.69 -0.90
#